data_1N4L
#
_entry.id   1N4L
#
_cell.length_a   54.410
_cell.length_b   146.222
_cell.length_c   46.778
_cell.angle_alpha   90.00
_cell.angle_beta   90.00
_cell.angle_gamma   90.00
#
_symmetry.space_group_name_H-M   'P 21 21 2'
#
loop_
_entity.id
_entity.type
_entity.pdbx_description
1 polymer "5'-D(*CP*TP*TP*TP*TP*TP*AP*AP*AP*AP*GP*AP*AP*AP*AP*G)-3'"
2 polymer "5'-D(*CP*TP*TP*TP*TP*CP*TP*TP*TP*TP*AP*AP*AP*AP*AP*G)-3'"
3 polymer 'Reverse Transcriptase'
4 water water
#
loop_
_entity_poly.entity_id
_entity_poly.type
_entity_poly.pdbx_seq_one_letter_code
_entity_poly.pdbx_strand_id
1 'polydeoxyribonucleotide' (DC)(DT)(DT)(DT)(DT)(DT)(DA)(DA)(DA)(DA)(DG)(DA)(DA)(DA)(DA)(DG) B
2 'polydeoxyribonucleotide' (DC)(DT)(DT)(DT)(DT)(DC)(DT)(DT)(DT)(DT)(DA)(DA)(DA)(DA)(DA)(DG) D
3 'polypeptide(L)'
;TWLSDFPQAWAETGGMGLAVRQAPLIIPLKATSTPVSIKQYPMSQEARLGIKPHIQRLLDQGILVPCQSPWNTPLLPVKK
PGTNDYRPVQDLREVNKRVEDIHPTVPNPYNLLSGLPPSHQWYTVLDLKDAFFCLRLHPTSQPLFAFEWRDPEMGISGQL
TWTRLPQGFKNSPTLFDEALHRDLADFRIQHPDLILLQYVDDLLLAATSELDCQQGTRALLQTLGNLGYRASAKKAQICQ
KQVKYLGYLLKEGQR
;
A
#
# COMPACT_ATOMS: atom_id res chain seq x y z
N THR C 1 -25.97 4.14 1.16
CA THR C 1 -25.56 3.35 -0.03
C THR C 1 -24.18 3.81 -0.52
N TRP C 2 -23.29 4.07 0.41
CA TRP C 2 -21.94 4.52 0.08
C TRP C 2 -21.24 3.57 -0.88
N LEU C 3 -21.54 2.28 -0.76
CA LEU C 3 -20.90 1.30 -1.63
C LEU C 3 -21.33 1.43 -3.08
N SER C 4 -22.63 1.46 -3.31
CA SER C 4 -23.17 1.58 -4.66
C SER C 4 -22.86 2.91 -5.29
N ASP C 5 -22.84 3.99 -4.50
CA ASP C 5 -22.58 5.31 -5.06
C ASP C 5 -21.17 5.50 -5.59
N PHE C 6 -20.24 4.68 -5.11
CA PHE C 6 -18.83 4.82 -5.50
C PHE C 6 -18.17 3.50 -5.82
N PRO C 7 -18.63 2.78 -6.84
CA PRO C 7 -18.12 1.50 -7.21
C PRO C 7 -16.62 1.46 -7.46
N GLN C 8 -16.09 2.54 -8.00
CA GLN C 8 -14.68 2.62 -8.36
C GLN C 8 -13.81 2.87 -7.14
N ALA C 9 -14.30 3.48 -6.07
CA ALA C 9 -13.46 3.77 -4.92
C ALA C 9 -13.22 2.59 -3.99
N TRP C 10 -14.04 1.55 -4.04
CA TRP C 10 -13.95 0.45 -3.12
C TRP C 10 -13.17 -0.74 -3.67
N ALA C 11 -12.28 -1.29 -2.82
CA ALA C 11 -11.53 -2.45 -3.35
C ALA C 11 -12.49 -3.60 -3.72
N GLU C 12 -13.57 -3.66 -2.98
CA GLU C 12 -14.57 -4.72 -3.20
C GLU C 12 -15.21 -4.62 -4.56
N THR C 13 -15.37 -3.40 -5.10
CA THR C 13 -16.04 -3.24 -6.37
C THR C 13 -15.21 -2.71 -7.52
N GLY C 14 -14.09 -2.04 -7.31
CA GLY C 14 -13.37 -1.43 -8.41
C GLY C 14 -12.12 -2.13 -8.87
N GLY C 15 -11.79 -3.32 -8.40
CA GLY C 15 -10.62 -4.05 -8.87
C GLY C 15 -9.34 -3.41 -8.35
N MET C 16 -8.24 -4.12 -8.46
CA MET C 16 -6.93 -3.72 -8.02
C MET C 16 -6.63 -2.29 -8.54
N GLY C 17 -6.10 -1.47 -7.67
CA GLY C 17 -5.76 -0.08 -7.91
C GLY C 17 -4.53 0.08 -8.80
N LEU C 18 -4.36 1.32 -9.23
CA LEU C 18 -3.23 1.69 -10.08
C LEU C 18 -3.19 3.24 -10.08
N ALA C 19 -2.20 3.82 -9.43
CA ALA C 19 -2.15 5.31 -9.38
C ALA C 19 -1.70 5.89 -10.73
N VAL C 20 -2.69 6.14 -11.58
CA VAL C 20 -2.41 6.55 -12.95
C VAL C 20 -1.69 7.87 -13.16
N ARG C 21 -1.71 8.77 -12.18
CA ARG C 21 -1.01 10.05 -12.37
C ARG C 21 0.43 9.97 -11.89
N GLN C 22 0.84 8.88 -11.26
CA GLN C 22 2.21 8.82 -10.75
C GLN C 22 3.14 8.12 -11.72
N ALA C 23 4.26 8.78 -12.06
CA ALA C 23 5.23 8.18 -12.94
C ALA C 23 5.78 6.88 -12.29
N PRO C 24 6.07 5.85 -13.07
CA PRO C 24 6.74 4.66 -12.53
C PRO C 24 7.97 5.04 -11.73
N LEU C 25 8.18 4.43 -10.54
CA LEU C 25 9.24 4.84 -9.68
C LEU C 25 10.62 4.27 -10.04
N ILE C 26 11.62 5.16 -10.00
CA ILE C 26 12.99 4.67 -10.23
C ILE C 26 13.65 4.63 -8.86
N ILE C 27 14.32 3.56 -8.51
CA ILE C 27 14.91 3.46 -7.15
C ILE C 27 16.44 3.56 -7.27
N PRO C 28 17.02 4.67 -6.91
CA PRO C 28 18.46 4.92 -6.99
C PRO C 28 19.23 4.05 -6.02
N LEU C 29 20.29 3.40 -6.51
CA LEU C 29 21.16 2.60 -5.63
C LEU C 29 22.26 3.45 -4.98
N LYS C 30 22.87 2.97 -3.92
CA LYS C 30 24.01 3.70 -3.32
C LYS C 30 25.13 3.62 -4.39
N ALA C 31 26.07 4.54 -4.34
CA ALA C 31 27.13 4.72 -5.28
C ALA C 31 27.97 3.50 -5.46
N THR C 32 28.19 2.69 -4.46
CA THR C 32 29.01 1.51 -4.59
C THR C 32 28.23 0.18 -4.72
N SER C 33 26.91 0.18 -4.72
CA SER C 33 26.19 -1.10 -4.80
C SER C 33 26.39 -1.87 -6.09
N THR C 34 26.39 -3.19 -5.95
CA THR C 34 26.43 -4.17 -7.02
C THR C 34 25.32 -5.18 -6.73
N PRO C 35 24.74 -5.81 -7.72
CA PRO C 35 23.68 -6.79 -7.47
C PRO C 35 24.10 -7.93 -6.56
N VAL C 36 23.19 -8.37 -5.72
CA VAL C 36 23.41 -9.51 -4.79
C VAL C 36 22.37 -10.57 -5.12
N SER C 37 22.82 -11.83 -5.20
CA SER C 37 21.90 -12.90 -5.53
C SER C 37 21.90 -13.94 -4.41
N ILE C 38 20.93 -13.89 -3.55
CA ILE C 38 20.85 -14.79 -2.41
C ILE C 38 20.03 -16.04 -2.76
N LYS C 39 20.58 -17.19 -2.45
CA LYS C 39 19.92 -18.45 -2.66
C LYS C 39 18.61 -18.59 -1.93
N GLN C 40 17.61 -19.13 -2.61
CA GLN C 40 16.32 -19.39 -2.00
C GLN C 40 16.46 -20.59 -1.06
N TYR C 41 16.09 -20.47 0.20
CA TYR C 41 16.09 -21.65 1.09
C TYR C 41 14.99 -22.61 0.61
N PRO C 42 15.22 -23.90 0.70
CA PRO C 42 14.29 -24.90 0.30
C PRO C 42 12.98 -24.75 1.04
N MET C 43 11.89 -24.73 0.34
CA MET C 43 10.58 -24.55 0.94
C MET C 43 9.82 -25.91 0.95
N SER C 44 9.12 -26.16 2.03
CA SER C 44 8.33 -27.40 2.11
C SER C 44 7.19 -27.35 1.11
N GLN C 45 6.64 -28.51 0.78
CA GLN C 45 5.47 -28.51 -0.09
C GLN C 45 4.32 -27.77 0.59
N GLU C 46 4.12 -27.95 1.87
CA GLU C 46 2.99 -27.31 2.57
C GLU C 46 3.07 -25.78 2.47
N ALA C 47 4.28 -25.26 2.67
CA ALA C 47 4.45 -23.77 2.55
C ALA C 47 4.25 -23.34 1.12
N ARG C 48 4.74 -24.06 0.16
CA ARG C 48 4.63 -23.72 -1.26
C ARG C 48 3.19 -23.75 -1.75
N LEU C 49 2.43 -24.77 -1.33
CA LEU C 49 1.03 -24.88 -1.70
C LEU C 49 0.21 -23.75 -1.12
N GLY C 50 0.51 -23.39 0.12
CA GLY C 50 -0.20 -22.33 0.77
C GLY C 50 0.07 -20.98 0.06
N ILE C 51 1.27 -20.80 -0.41
CA ILE C 51 1.68 -19.54 -1.07
C ILE C 51 1.31 -19.44 -2.52
N LYS C 52 1.26 -20.56 -3.26
CA LYS C 52 0.93 -20.62 -4.66
C LYS C 52 -0.26 -19.81 -5.13
N PRO C 53 -1.40 -19.91 -4.51
CA PRO C 53 -2.59 -19.18 -4.97
C PRO C 53 -2.33 -17.66 -4.93
N HIS C 54 -1.58 -17.21 -3.96
CA HIS C 54 -1.27 -15.76 -3.84
C HIS C 54 -0.35 -15.32 -4.96
N ILE C 55 0.68 -16.11 -5.26
CA ILE C 55 1.56 -15.85 -6.38
C ILE C 55 0.85 -15.87 -7.72
N GLN C 56 0.01 -16.88 -7.93
CA GLN C 56 -0.72 -16.97 -9.18
C GLN C 56 -1.62 -15.75 -9.36
N ARG C 57 -2.31 -15.36 -8.30
CA ARG C 57 -3.18 -14.17 -8.35
C ARG C 57 -2.40 -12.89 -8.74
N LEU C 58 -1.20 -12.75 -8.21
CA LEU C 58 -0.35 -11.59 -8.51
C LEU C 58 0.12 -11.62 -9.93
N LEU C 59 0.37 -12.82 -10.44
CA LEU C 59 0.83 -12.97 -11.84
C LEU C 59 -0.35 -12.62 -12.74
N ASP C 60 -1.55 -13.12 -12.40
CA ASP C 60 -2.73 -12.82 -13.23
C ASP C 60 -3.02 -11.32 -13.20
N GLN C 61 -2.75 -10.65 -12.06
CA GLN C 61 -2.98 -9.20 -11.98
C GLN C 61 -1.85 -8.43 -12.64
N GLY C 62 -0.74 -9.09 -12.99
CA GLY C 62 0.36 -8.38 -13.64
C GLY C 62 1.25 -7.64 -12.65
N ILE C 63 1.04 -7.92 -11.38
CA ILE C 63 1.84 -7.30 -10.30
C ILE C 63 3.19 -7.99 -10.19
N LEU C 64 3.23 -9.28 -10.50
CA LEU C 64 4.41 -10.07 -10.62
C LEU C 64 4.59 -10.44 -12.09
N VAL C 65 5.84 -10.52 -12.55
CA VAL C 65 6.06 -10.92 -13.93
C VAL C 65 7.32 -11.76 -13.96
N PRO C 66 7.49 -12.65 -14.93
CA PRO C 66 8.73 -13.41 -15.04
C PRO C 66 9.88 -12.48 -15.34
N CYS C 67 11.09 -12.94 -15.00
CA CYS C 67 12.27 -12.13 -15.30
C CYS C 67 13.55 -12.94 -15.06
N GLN C 68 14.62 -12.41 -15.56
CA GLN C 68 15.97 -12.95 -15.34
C GLN C 68 16.74 -11.76 -14.75
N SER C 69 17.17 -11.87 -13.52
CA SER C 69 17.87 -10.74 -12.89
C SER C 69 19.10 -11.16 -12.10
N PRO C 70 20.12 -10.31 -12.01
CA PRO C 70 21.34 -10.54 -11.28
C PRO C 70 21.09 -10.43 -9.78
N TRP C 71 19.92 -9.87 -9.40
CA TRP C 71 19.50 -9.74 -8.04
C TRP C 71 18.60 -10.95 -7.70
N ASN C 72 18.64 -11.36 -6.42
CA ASN C 72 17.72 -12.38 -5.96
C ASN C 72 17.61 -12.29 -4.46
N THR C 73 16.39 -12.29 -3.91
CA THR C 73 16.28 -12.36 -2.46
C THR C 73 15.30 -13.48 -2.07
N PRO C 74 15.39 -13.95 -0.85
CA PRO C 74 14.61 -15.09 -0.39
C PRO C 74 13.14 -14.79 -0.12
N LEU C 75 12.30 -15.75 -0.48
CA LEU C 75 10.88 -15.70 -0.18
C LEU C 75 10.65 -16.56 1.08
N LEU C 76 9.96 -16.06 2.08
CA LEU C 76 9.68 -16.79 3.31
C LEU C 76 8.18 -16.93 3.60
N PRO C 77 7.73 -18.17 3.68
CA PRO C 77 6.35 -18.45 4.04
C PRO C 77 6.14 -18.12 5.52
N VAL C 78 5.16 -17.28 5.81
CA VAL C 78 4.85 -16.89 7.19
C VAL C 78 3.49 -17.41 7.57
N LYS C 79 3.45 -18.49 8.33
CA LYS C 79 2.16 -19.05 8.70
C LYS C 79 1.48 -18.15 9.73
N LYS C 80 0.32 -17.61 9.38
CA LYS C 80 -0.43 -16.77 10.33
C LYS C 80 -0.85 -17.69 11.47
N PRO C 81 -2.02 -18.27 11.46
CA PRO C 81 -2.34 -19.22 12.53
C PRO C 81 -1.42 -20.42 12.49
N GLY C 82 -1.66 -21.39 11.61
CA GLY C 82 -0.87 -22.60 11.56
C GLY C 82 -0.52 -23.12 10.17
N THR C 83 -0.87 -24.37 9.88
CA THR C 83 -0.58 -24.98 8.59
C THR C 83 -1.52 -24.50 7.50
N ASN C 84 -2.33 -23.49 7.83
CA ASN C 84 -3.30 -22.95 6.90
C ASN C 84 -3.01 -21.48 6.59
N ASP C 85 -3.54 -21.02 5.47
CA ASP C 85 -3.40 -19.65 5.02
C ASP C 85 -1.98 -19.13 5.16
N TYR C 86 -1.12 -19.44 4.20
CA TYR C 86 0.24 -18.92 4.19
C TYR C 86 0.26 -17.60 3.42
N ARG C 87 1.34 -16.84 3.53
CA ARG C 87 1.48 -15.59 2.78
C ARG C 87 2.96 -15.34 2.49
N PRO C 88 3.33 -15.11 1.25
CA PRO C 88 4.69 -14.88 0.84
C PRO C 88 5.31 -13.63 1.51
N VAL C 89 6.44 -13.79 2.18
CA VAL C 89 7.17 -12.70 2.76
C VAL C 89 8.60 -12.67 2.22
N GLN C 90 8.94 -11.57 1.51
CA GLN C 90 10.26 -11.47 0.92
C GLN C 90 11.26 -10.82 1.88
N ASP C 91 12.41 -11.41 2.02
CA ASP C 91 13.46 -10.83 2.89
C ASP C 91 14.28 -9.90 1.99
N LEU C 92 13.97 -8.60 2.04
CA LEU C 92 14.67 -7.61 1.22
C LEU C 92 15.81 -6.89 1.93
N ARG C 93 16.21 -7.41 3.13
CA ARG C 93 17.26 -6.66 3.83
C ARG C 93 18.53 -6.46 3.00
N GLU C 94 19.01 -7.39 2.18
CA GLU C 94 20.23 -7.18 1.41
C GLU C 94 20.03 -6.17 0.28
N VAL C 95 18.78 -6.08 -0.21
CA VAL C 95 18.49 -5.03 -1.21
C VAL C 95 18.39 -3.69 -0.52
N ASN C 96 17.69 -3.63 0.63
CA ASN C 96 17.51 -2.37 1.39
C ASN C 96 18.88 -1.75 1.69
N LYS C 97 19.84 -2.58 2.09
CA LYS C 97 21.17 -1.98 2.41
C LYS C 97 21.86 -1.41 1.18
N ARG C 98 21.49 -1.78 -0.05
CA ARG C 98 22.13 -1.29 -1.24
C ARG C 98 21.45 -0.07 -1.91
N VAL C 99 20.28 0.28 -1.44
CA VAL C 99 19.45 1.33 -2.02
C VAL C 99 19.74 2.63 -1.23
N GLU C 100 19.79 3.72 -1.93
CA GLU C 100 20.13 4.99 -1.30
C GLU C 100 19.03 5.42 -0.35
N ASP C 101 19.40 5.91 0.84
CA ASP C 101 18.48 6.36 1.84
C ASP C 101 17.77 7.65 1.43
N ILE C 102 16.50 7.72 1.82
CA ILE C 102 15.76 8.96 1.53
C ILE C 102 15.32 9.58 2.86
N HIS C 103 15.01 10.87 2.91
CA HIS C 103 14.55 11.43 4.21
C HIS C 103 13.21 10.88 4.59
N PRO C 104 12.99 10.34 5.78
CA PRO C 104 11.72 9.82 6.24
C PRO C 104 10.72 10.95 6.37
N THR C 105 9.67 11.06 5.59
CA THR C 105 8.74 12.17 5.72
C THR C 105 7.43 11.78 6.37
N VAL C 106 7.19 10.51 6.65
CA VAL C 106 5.94 10.07 7.30
C VAL C 106 5.96 10.57 8.75
N PRO C 107 5.03 11.41 9.17
CA PRO C 107 4.95 11.93 10.51
C PRO C 107 4.66 10.85 11.55
N ASN C 108 5.09 10.98 12.81
CA ASN C 108 4.64 9.93 13.74
C ASN C 108 3.17 10.24 14.06
N PRO C 109 2.37 9.23 14.33
CA PRO C 109 0.98 9.41 14.67
C PRO C 109 0.70 10.48 15.71
N TYR C 110 1.49 10.54 16.78
CA TYR C 110 1.20 11.56 17.82
C TYR C 110 1.18 12.95 17.21
N ASN C 111 2.21 13.31 16.48
CA ASN C 111 2.29 14.63 15.82
C ASN C 111 1.23 14.81 14.75
N LEU C 112 0.93 13.78 13.96
CA LEU C 112 -0.14 13.93 12.96
C LEU C 112 -1.46 14.32 13.64
N LEU C 113 -1.80 13.61 14.72
CA LEU C 113 -3.05 13.90 15.43
C LEU C 113 -3.08 15.26 16.11
N SER C 114 -1.96 15.92 16.31
CA SER C 114 -1.94 17.27 16.90
C SER C 114 -2.65 18.25 15.97
N GLY C 115 -2.75 17.92 14.69
CA GLY C 115 -3.42 18.77 13.73
C GLY C 115 -4.91 18.55 13.63
N LEU C 116 -5.53 18.05 14.70
CA LEU C 116 -6.98 17.86 14.72
C LEU C 116 -7.69 18.80 15.71
N PRO C 117 -8.25 19.89 15.25
CA PRO C 117 -8.96 20.84 16.09
C PRO C 117 -10.27 20.31 16.64
N PRO C 118 -10.71 20.79 17.80
CA PRO C 118 -11.95 20.40 18.43
C PRO C 118 -13.19 20.78 17.66
N SER C 119 -13.19 21.82 16.86
CA SER C 119 -14.28 22.23 16.01
C SER C 119 -14.71 21.14 15.03
N HIS C 120 -13.77 20.27 14.63
CA HIS C 120 -14.12 19.23 13.66
C HIS C 120 -14.34 17.91 14.35
N GLN C 121 -15.58 17.58 14.71
CA GLN C 121 -15.87 16.39 15.47
C GLN C 121 -16.52 15.28 14.66
N TRP C 122 -16.74 15.49 13.39
CA TRP C 122 -17.33 14.45 12.54
C TRP C 122 -16.19 13.81 11.73
N TYR C 123 -16.05 12.50 11.90
CA TYR C 123 -14.94 11.81 11.24
C TYR C 123 -15.34 10.72 10.27
N THR C 124 -14.42 10.50 9.31
CA THR C 124 -14.49 9.40 8.37
C THR C 124 -13.09 8.75 8.32
N VAL C 125 -12.98 7.46 8.40
CA VAL C 125 -11.70 6.77 8.35
C VAL C 125 -11.75 5.78 7.20
N LEU C 126 -10.75 5.90 6.30
CA LEU C 126 -10.65 5.02 5.16
C LEU C 126 -9.30 4.35 5.25
N ASP C 127 -9.21 3.13 4.82
CA ASP C 127 -8.01 2.33 4.82
C ASP C 127 -7.76 1.94 3.36
N LEU C 128 -6.69 2.37 2.74
CA LEU C 128 -6.46 2.04 1.34
C LEU C 128 -5.97 0.60 1.26
N LYS C 129 -6.55 -0.17 0.36
CA LYS C 129 -6.17 -1.57 0.21
C LYS C 129 -5.04 -1.76 -0.75
N ASP C 130 -4.08 -2.56 -0.40
CA ASP C 130 -2.92 -2.88 -1.23
C ASP C 130 -2.32 -1.56 -1.75
N ALA C 131 -2.23 -0.59 -0.83
CA ALA C 131 -1.72 0.75 -1.27
C ALA C 131 -0.44 0.71 -2.07
N PHE C 132 0.61 0.02 -1.50
CA PHE C 132 1.88 0.05 -2.26
C PHE C 132 1.74 -0.45 -3.70
N PHE C 133 0.90 -1.48 -3.87
CA PHE C 133 0.76 -2.08 -5.20
C PHE C 133 0.15 -1.10 -6.21
N CYS C 134 -0.46 -0.02 -5.76
CA CYS C 134 -0.98 0.98 -6.69
C CYS C 134 0.13 1.80 -7.34
N LEU C 135 1.32 1.80 -6.79
CA LEU C 135 2.41 2.58 -7.42
C LEU C 135 3.23 1.72 -8.35
N ARG C 136 3.46 2.15 -9.61
CA ARG C 136 4.29 1.37 -10.50
C ARG C 136 5.77 1.53 -10.22
N LEU C 137 6.53 0.46 -10.55
CA LEU C 137 7.97 0.52 -10.51
C LEU C 137 8.48 0.74 -11.95
N HIS C 138 9.46 1.61 -12.16
CA HIS C 138 10.00 1.74 -13.51
C HIS C 138 10.66 0.40 -13.87
N PRO C 139 10.60 -0.01 -15.11
CA PRO C 139 11.19 -1.24 -15.59
C PRO C 139 12.68 -1.32 -15.25
N THR C 140 13.41 -0.19 -15.20
CA THR C 140 14.83 -0.28 -14.84
C THR C 140 15.00 -0.73 -13.40
N SER C 141 13.98 -0.44 -12.55
CA SER C 141 14.16 -0.78 -11.14
C SER C 141 13.50 -2.10 -10.77
N GLN C 142 12.65 -2.66 -11.61
CA GLN C 142 12.06 -3.97 -11.31
C GLN C 142 13.02 -5.13 -11.02
N PRO C 143 14.15 -5.28 -11.68
CA PRO C 143 15.06 -6.42 -11.47
C PRO C 143 15.61 -6.51 -10.06
N LEU C 144 15.63 -5.36 -9.35
CA LEU C 144 16.16 -5.30 -8.00
C LEU C 144 15.43 -6.22 -7.02
N PHE C 145 14.13 -6.38 -7.26
CA PHE C 145 13.28 -7.07 -6.30
C PHE C 145 12.93 -8.50 -6.66
N ALA C 146 13.74 -9.14 -7.52
CA ALA C 146 13.48 -10.46 -8.04
C ALA C 146 13.65 -11.53 -6.96
N PHE C 147 12.87 -12.61 -7.10
CA PHE C 147 12.96 -13.75 -6.18
C PHE C 147 12.73 -15.00 -7.04
N GLU C 148 13.07 -16.16 -6.50
CA GLU C 148 12.89 -17.41 -7.23
C GLU C 148 11.54 -18.08 -6.92
N TRP C 149 10.93 -18.62 -7.95
CA TRP C 149 9.65 -19.29 -7.79
C TRP C 149 9.71 -20.60 -8.57
N ARG C 150 9.38 -21.70 -7.90
CA ARG C 150 9.44 -22.98 -8.63
C ARG C 150 8.18 -23.81 -8.47
N ASP C 151 7.53 -24.10 -9.59
CA ASP C 151 6.45 -25.12 -9.52
C ASP C 151 7.41 -26.32 -9.43
N PRO C 152 7.44 -27.01 -8.33
CA PRO C 152 8.37 -28.08 -8.04
C PRO C 152 9.32 -28.48 -9.15
N GLU C 153 8.83 -29.08 -10.24
CA GLU C 153 9.74 -29.54 -11.28
C GLU C 153 9.56 -28.99 -12.67
N MET C 154 8.70 -27.98 -12.85
CA MET C 154 8.48 -27.42 -14.17
C MET C 154 7.49 -26.25 -14.15
N GLY C 155 7.52 -25.45 -15.21
CA GLY C 155 6.63 -24.29 -15.32
C GLY C 155 7.47 -23.01 -15.34
N ILE C 156 7.06 -21.98 -14.60
CA ILE C 156 7.85 -20.75 -14.56
C ILE C 156 9.28 -21.17 -14.29
N SER C 157 10.17 -20.95 -15.25
CA SER C 157 11.53 -21.41 -15.17
C SER C 157 12.28 -21.04 -13.90
N GLY C 158 12.08 -19.79 -13.43
CA GLY C 158 12.85 -19.40 -12.28
C GLY C 158 12.42 -18.19 -11.46
N GLN C 159 12.82 -17.02 -11.91
CA GLN C 159 12.58 -15.82 -11.13
C GLN C 159 11.33 -15.06 -11.51
N LEU C 160 10.81 -14.32 -10.52
CA LEU C 160 9.69 -13.46 -10.72
C LEU C 160 10.17 -12.10 -10.10
N THR C 161 9.53 -11.02 -10.54
CA THR C 161 9.77 -9.77 -9.84
C THR C 161 8.51 -8.89 -9.86
N TRP C 162 8.55 -7.81 -9.07
CA TRP C 162 7.41 -6.93 -8.95
C TRP C 162 7.36 -5.79 -9.97
N THR C 163 6.16 -5.46 -10.44
CA THR C 163 6.03 -4.31 -11.35
C THR C 163 5.50 -3.10 -10.55
N ARG C 164 5.21 -3.32 -9.25
CA ARG C 164 4.67 -2.32 -8.37
C ARG C 164 5.56 -2.24 -7.12
N LEU C 165 5.50 -1.17 -6.38
CA LEU C 165 6.25 -0.98 -5.15
C LEU C 165 5.94 -2.12 -4.18
N PRO C 166 7.01 -2.79 -3.72
CA PRO C 166 6.85 -4.00 -2.92
C PRO C 166 6.82 -3.80 -1.42
N GLN C 167 6.26 -4.79 -0.75
CA GLN C 167 6.27 -4.86 0.69
C GLN C 167 7.70 -5.25 1.11
N GLY C 168 8.18 -4.84 2.25
CA GLY C 168 9.46 -5.15 2.77
C GLY C 168 10.55 -4.22 2.28
N PHE C 169 10.27 -3.34 1.33
CA PHE C 169 11.23 -2.40 0.79
C PHE C 169 11.25 -1.19 1.75
N LYS C 170 12.46 -0.83 2.22
CA LYS C 170 12.57 0.20 3.24
C LYS C 170 11.97 1.56 2.88
N ASN C 171 11.92 1.95 1.62
CA ASN C 171 11.35 3.25 1.30
C ASN C 171 9.88 3.25 0.89
N SER C 172 9.26 2.08 0.89
CA SER C 172 7.85 2.05 0.41
C SER C 172 6.90 2.96 1.14
N PRO C 173 6.84 2.93 2.45
CA PRO C 173 5.95 3.80 3.24
C PRO C 173 6.15 5.27 2.94
N THR C 174 7.41 5.77 2.94
CA THR C 174 7.62 7.16 2.56
C THR C 174 7.22 7.49 1.13
N LEU C 175 7.64 6.66 0.15
CA LEU C 175 7.33 6.96 -1.23
C LEU C 175 5.82 6.95 -1.43
N PHE C 176 5.13 6.00 -0.81
CA PHE C 176 3.68 5.96 -0.97
C PHE C 176 3.07 7.23 -0.34
N ASP C 177 3.46 7.61 0.86
CA ASP C 177 2.89 8.77 1.56
C ASP C 177 3.11 10.03 0.70
N GLU C 178 4.33 10.15 0.11
CA GLU C 178 4.60 11.33 -0.71
C GLU C 178 3.77 11.33 -1.99
N ALA C 179 3.59 10.17 -2.63
CA ALA C 179 2.78 10.11 -3.87
C ALA C 179 1.34 10.48 -3.59
N LEU C 180 0.73 9.91 -2.57
CA LEU C 180 -0.67 10.22 -2.24
C LEU C 180 -0.83 11.69 -1.79
N HIS C 181 0.20 12.22 -1.14
CA HIS C 181 0.09 13.69 -0.81
C HIS C 181 0.08 14.49 -2.10
N ARG C 182 0.89 14.12 -3.09
CA ARG C 182 0.85 14.86 -4.37
C ARG C 182 -0.53 14.72 -5.03
N ASP C 183 -1.09 13.48 -5.00
CA ASP C 183 -2.37 13.24 -5.68
C ASP C 183 -3.55 13.88 -4.97
N LEU C 184 -3.50 14.14 -3.66
CA LEU C 184 -4.61 14.77 -2.95
C LEU C 184 -4.37 16.27 -2.67
N ALA C 185 -3.29 16.83 -3.18
CA ALA C 185 -3.01 18.27 -2.93
C ALA C 185 -4.18 19.12 -3.45
N ASP C 186 -4.72 18.81 -4.62
CA ASP C 186 -5.84 19.56 -5.15
C ASP C 186 -7.07 19.46 -4.24
N PHE C 187 -7.38 18.25 -3.83
CA PHE C 187 -8.54 17.97 -2.99
C PHE C 187 -8.49 18.89 -1.78
N ARG C 188 -7.29 18.97 -1.21
CA ARG C 188 -7.17 19.79 -0.01
C ARG C 188 -7.51 21.26 -0.38
N ILE C 189 -7.04 21.73 -1.50
CA ILE C 189 -7.31 23.10 -1.99
C ILE C 189 -8.79 23.30 -2.29
N GLN C 190 -9.49 22.32 -2.87
CA GLN C 190 -10.91 22.53 -3.15
C GLN C 190 -11.79 22.39 -1.92
N HIS C 191 -11.22 21.91 -0.83
CA HIS C 191 -11.96 21.71 0.42
C HIS C 191 -11.23 22.29 1.62
N PRO C 192 -11.01 23.61 1.62
CA PRO C 192 -10.32 24.32 2.66
C PRO C 192 -10.83 24.04 4.07
N ASP C 193 -12.12 23.86 4.21
CA ASP C 193 -12.82 23.60 5.45
C ASP C 193 -12.61 22.22 6.03
N LEU C 194 -12.25 21.23 5.22
CA LEU C 194 -12.05 19.87 5.74
C LEU C 194 -10.63 19.65 6.24
N ILE C 195 -10.54 18.72 7.22
CA ILE C 195 -9.23 18.36 7.72
C ILE C 195 -8.93 16.97 7.13
N LEU C 196 -7.74 16.78 6.60
CA LEU C 196 -7.41 15.43 6.09
C LEU C 196 -6.03 15.05 6.65
N LEU C 197 -6.02 13.96 7.39
CA LEU C 197 -4.76 13.45 7.96
C LEU C 197 -4.41 12.22 7.11
N GLN C 198 -3.16 12.11 6.75
CA GLN C 198 -2.75 10.91 5.98
C GLN C 198 -1.60 10.22 6.73
N TYR C 199 -1.77 8.93 6.93
CA TYR C 199 -0.67 8.16 7.53
C TYR C 199 -0.42 6.96 6.61
N VAL C 200 0.42 7.16 5.59
CA VAL C 200 0.66 6.15 4.55
C VAL C 200 -0.69 5.72 3.94
N ASP C 201 -1.19 4.52 4.24
CA ASP C 201 -2.48 4.12 3.66
C ASP C 201 -3.68 4.34 4.57
N ASP C 202 -3.50 4.99 5.71
CA ASP C 202 -4.63 5.22 6.67
C ASP C 202 -5.02 6.69 6.70
N LEU C 203 -6.25 6.98 6.20
CA LEU C 203 -6.71 8.34 6.06
C LEU C 203 -7.83 8.69 7.06
N LEU C 204 -7.84 9.92 7.50
CA LEU C 204 -8.85 10.41 8.43
C LEU C 204 -9.33 11.76 7.89
N LEU C 205 -10.63 11.83 7.58
CA LEU C 205 -11.24 13.06 7.11
C LEU C 205 -12.06 13.63 8.29
N ALA C 206 -11.88 14.93 8.57
CA ALA C 206 -12.62 15.48 9.71
C ALA C 206 -13.39 16.72 9.29
N ALA C 207 -14.65 16.77 9.74
CA ALA C 207 -15.50 17.89 9.36
C ALA C 207 -16.20 18.52 10.58
N THR C 208 -16.76 19.69 10.38
CA THR C 208 -17.47 20.42 11.42
C THR C 208 -18.89 19.89 11.61
N SER C 209 -19.55 19.46 10.54
CA SER C 209 -20.91 18.93 10.67
C SER C 209 -21.06 17.60 9.96
N GLU C 210 -22.18 16.93 10.22
CA GLU C 210 -22.47 15.64 9.61
C GLU C 210 -22.65 15.75 8.10
N LEU C 211 -23.28 16.83 7.64
CA LEU C 211 -23.45 17.04 6.22
C LEU C 211 -22.09 17.27 5.55
N ASP C 212 -21.29 18.16 6.14
CA ASP C 212 -19.97 18.45 5.60
C ASP C 212 -19.16 17.16 5.49
N CYS C 213 -19.27 16.33 6.51
CA CYS C 213 -18.53 15.06 6.52
C CYS C 213 -19.04 14.15 5.42
N GLN C 214 -20.35 14.22 5.13
CA GLN C 214 -20.92 13.34 4.11
C GLN C 214 -20.54 13.84 2.72
N GLN C 215 -20.56 15.15 2.56
CA GLN C 215 -20.21 15.73 1.25
C GLN C 215 -18.70 15.61 1.05
N GLY C 216 -17.95 15.79 2.12
CA GLY C 216 -16.51 15.67 2.03
C GLY C 216 -16.10 14.24 1.69
N THR C 217 -16.69 13.27 2.39
CA THR C 217 -16.42 11.86 2.13
C THR C 217 -16.71 11.48 0.68
N ARG C 218 -17.91 11.86 0.20
CA ARG C 218 -18.28 11.59 -1.18
C ARG C 218 -17.19 12.11 -2.13
N ALA C 219 -16.82 13.37 -1.92
CA ALA C 219 -15.76 13.95 -2.77
C ALA C 219 -14.43 13.19 -2.61
N LEU C 220 -14.05 12.79 -1.41
CA LEU C 220 -12.77 12.07 -1.23
C LEU C 220 -12.77 10.71 -1.91
N LEU C 221 -13.89 9.97 -1.74
CA LEU C 221 -14.01 8.66 -2.39
C LEU C 221 -13.96 8.82 -3.90
N GLN C 222 -14.67 9.81 -4.41
CA GLN C 222 -14.72 10.05 -5.85
C GLN C 222 -13.32 10.37 -6.38
N THR C 223 -12.61 11.21 -5.64
CA THR C 223 -11.24 11.56 -6.06
C THR C 223 -10.34 10.32 -5.97
N LEU C 224 -10.38 9.59 -4.87
CA LEU C 224 -9.48 8.43 -4.73
C LEU C 224 -9.75 7.44 -5.85
N GLY C 225 -11.04 7.20 -6.12
CA GLY C 225 -11.35 6.21 -7.17
C GLY C 225 -10.83 6.63 -8.52
N ASN C 226 -11.04 7.90 -8.90
CA ASN C 226 -10.52 8.41 -10.13
C ASN C 226 -9.01 8.38 -10.23
N LEU C 227 -8.30 8.55 -9.13
CA LEU C 227 -6.83 8.59 -9.14
C LEU C 227 -6.29 7.19 -9.25
N GLY C 228 -7.11 6.22 -8.90
CA GLY C 228 -6.71 4.81 -9.00
C GLY C 228 -6.39 4.12 -7.70
N TYR C 229 -6.70 4.72 -6.56
CA TYR C 229 -6.50 4.13 -5.26
C TYR C 229 -7.83 3.42 -4.89
N ARG C 230 -7.77 2.49 -3.99
CA ARG C 230 -8.93 1.72 -3.54
C ARG C 230 -9.00 1.64 -2.04
N ALA C 231 -10.15 1.95 -1.48
CA ALA C 231 -10.38 1.87 -0.04
C ALA C 231 -11.11 0.57 0.35
N SER C 232 -10.93 0.07 1.56
CA SER C 232 -11.58 -1.12 2.04
C SER C 232 -12.99 -0.81 2.53
N ALA C 233 -13.96 -1.27 1.76
CA ALA C 233 -15.36 -1.00 2.15
C ALA C 233 -15.68 -1.63 3.50
N LYS C 234 -15.13 -2.79 3.74
CA LYS C 234 -15.34 -3.52 4.99
C LYS C 234 -14.90 -2.75 6.21
N LYS C 235 -13.70 -2.12 6.16
CA LYS C 235 -13.18 -1.42 7.32
C LYS C 235 -13.67 0.00 7.44
N ALA C 236 -14.14 0.60 6.37
CA ALA C 236 -14.54 2.01 6.40
C ALA C 236 -15.40 2.40 7.60
N GLN C 237 -15.09 3.53 8.20
CA GLN C 237 -15.82 4.09 9.33
C GLN C 237 -16.32 5.44 8.82
N ILE C 238 -17.56 5.50 8.37
CA ILE C 238 -18.04 6.73 7.72
C ILE C 238 -18.93 7.64 8.56
N CYS C 239 -18.60 8.92 8.60
CA CYS C 239 -19.32 9.99 9.24
C CYS C 239 -19.77 9.61 10.64
N GLN C 240 -18.80 9.49 11.54
CA GLN C 240 -19.08 9.10 12.91
C GLN C 240 -18.42 10.11 13.83
N LYS C 241 -18.95 10.19 15.06
CA LYS C 241 -18.35 11.16 15.99
C LYS C 241 -17.40 10.37 16.88
N GLN C 242 -17.30 9.09 16.54
CA GLN C 242 -16.40 8.20 17.25
C GLN C 242 -15.76 7.23 16.26
N VAL C 243 -14.42 7.23 16.18
CA VAL C 243 -13.76 6.31 15.28
C VAL C 243 -12.45 5.81 15.87
N LYS C 244 -11.95 4.75 15.26
CA LYS C 244 -10.66 4.20 15.63
C LYS C 244 -9.66 4.66 14.53
N TYR C 245 -8.59 5.33 14.90
CA TYR C 245 -7.64 5.79 13.89
C TYR C 245 -6.23 5.68 14.46
N LEU C 246 -5.36 4.94 13.81
CA LEU C 246 -3.98 4.78 14.24
C LEU C 246 -3.85 4.33 15.69
N GLY C 247 -4.70 3.39 16.08
CA GLY C 247 -4.64 2.84 17.43
C GLY C 247 -5.35 3.69 18.47
N TYR C 248 -5.80 4.88 18.12
CA TYR C 248 -6.52 5.74 19.05
C TYR C 248 -8.03 5.61 18.83
N LEU C 249 -8.78 5.99 19.86
CA LEU C 249 -10.22 6.09 19.76
C LEU C 249 -10.51 7.59 19.76
N LEU C 250 -10.97 8.16 18.67
CA LEU C 250 -11.24 9.59 18.58
C LEU C 250 -12.69 9.83 19.01
N LYS C 251 -12.84 10.74 19.97
CA LYS C 251 -14.13 11.11 20.50
C LYS C 251 -14.05 12.34 21.40
N GLU C 252 -14.95 13.30 21.22
CA GLU C 252 -14.94 14.51 22.03
C GLU C 252 -13.66 15.30 21.84
N GLY C 253 -12.91 15.02 20.78
CA GLY C 253 -11.64 15.72 20.61
C GLY C 253 -10.60 15.11 21.54
N GLN C 254 -10.92 13.99 22.17
CA GLN C 254 -9.98 13.27 23.00
C GLN C 254 -9.16 12.21 22.24
N ARG C 255 -7.95 11.97 22.70
CA ARG C 255 -7.03 10.99 22.16
C ARG C 255 -6.61 11.34 20.73
#